data_1R2J
#
_entry.id   1R2J
#
_cell.length_a   116.550
_cell.length_b   116.550
_cell.length_c   126.160
_cell.angle_alpha   90.00
_cell.angle_beta   90.00
_cell.angle_gamma   90.00
#
_symmetry.space_group_name_H-M   'I 41'
#
loop_
_entity.id
_entity.type
_entity.pdbx_description
1 polymer 'protein FkbI'
2 non-polymer 'FLAVIN-ADENINE DINUCLEOTIDE'
3 water water
#
_entity_poly.entity_id   1
_entity_poly.type   'polypeptide(L)'
_entity_poly.pdbx_seq_one_letter_code
;MPERDALLTDLVGDRAAEWDTSGELPRDLLVRLGADGLLCAEVAAEHGGLGLGSRENGEFTAHVGSLCSSLRSVMTSQGM
AAWTVQRLGDAGQRATFLKELTSGKLAAVGFSERQAGSDLSAMRTRVRLDGDTAVVDGHKVWTTAAAYADHLVVFGLQED
GSGAVVVVPADTPGVRVERVPKPSGCRAAGHADLHLDQVRVPAGAVLAGSGASLPMLVAASLAYGRKSVAWGCVGILRAC
RTAAVAHARTREQFGRPLGDHQLVAGHIADLWTAEQIAARVCEYASDHWDEGSPEMVPATILAKHVAAERAAAGAATAAQ
VLASAGAREGHVVERAYRDAKLMEIIEGSSEMCRVMLAQHALALPA
;
_entity_poly.pdbx_strand_id   A
#
loop_
_chem_comp.id
_chem_comp.type
_chem_comp.name
_chem_comp.formula
FAD non-polymer 'FLAVIN-ADENINE DINUCLEOTIDE' 'C27 H33 N9 O15 P2'
#
# COMPACT_ATOMS: atom_id res chain seq x y z
N GLU A 3 -12.48 14.80 -13.24
CA GLU A 3 -12.16 13.41 -13.68
C GLU A 3 -11.00 12.82 -12.88
N ARG A 4 -11.03 11.51 -12.67
CA ARG A 4 -9.97 10.85 -11.93
C ARG A 4 -10.21 9.34 -11.87
N ASP A 5 -11.38 8.95 -11.37
CA ASP A 5 -11.71 7.54 -11.27
C ASP A 5 -12.07 7.00 -12.64
N ALA A 6 -12.79 7.79 -13.43
CA ALA A 6 -13.19 7.37 -14.77
C ALA A 6 -11.95 7.10 -15.59
N LEU A 7 -10.95 7.98 -15.43
CA LEU A 7 -9.69 7.86 -16.14
C LEU A 7 -9.01 6.52 -15.84
N LEU A 8 -8.99 6.14 -14.56
CA LEU A 8 -8.36 4.90 -14.10
C LEU A 8 -9.16 3.69 -14.51
N THR A 9 -10.47 3.88 -14.62
CA THR A 9 -11.29 2.76 -15.05
C THR A 9 -10.87 2.51 -16.46
N ASP A 10 -10.54 3.54 -17.24
CA ASP A 10 -10.18 3.08 -18.55
C ASP A 10 -8.74 2.81 -18.92
N LEU A 11 -7.88 3.33 -18.06
CA LEU A 11 -6.47 3.15 -18.07
C LEU A 11 -6.46 1.64 -17.79
N VAL A 12 -6.94 1.23 -16.61
CA VAL A 12 -7.02 -0.21 -16.29
C VAL A 12 -7.82 -0.92 -17.39
N GLY A 13 -9.01 -0.38 -17.65
CA GLY A 13 -9.92 -0.90 -18.66
C GLY A 13 -9.75 -2.31 -19.15
N ASP A 14 -10.04 -3.29 -18.30
CA ASP A 14 -9.96 -4.68 -18.70
C ASP A 14 -8.56 -5.12 -19.12
N ARG A 15 -7.65 -5.17 -18.15
CA ARG A 15 -6.27 -5.59 -18.40
C ARG A 15 -5.67 -6.12 -17.10
N ALA A 16 -6.42 -5.96 -16.01
CA ALA A 16 -5.97 -6.40 -14.69
C ALA A 16 -5.65 -7.90 -14.68
N ALA A 17 -6.54 -8.70 -15.25
CA ALA A 17 -6.34 -10.15 -15.30
C ALA A 17 -4.99 -10.53 -15.92
N GLU A 18 -4.70 -9.99 -17.10
CA GLU A 18 -3.44 -10.28 -17.78
C GLU A 18 -2.23 -9.74 -17.03
N TRP A 19 -2.36 -8.55 -16.46
CA TRP A 19 -1.24 -7.98 -15.70
C TRP A 19 -0.94 -8.90 -14.52
N ASP A 20 -2.00 -9.41 -13.91
CA ASP A 20 -1.88 -10.29 -12.74
C ASP A 20 -1.26 -11.65 -13.07
N THR A 21 -1.67 -12.24 -14.19
CA THR A 21 -1.14 -13.54 -14.59
C THR A 21 0.28 -13.45 -15.16
N SER A 22 0.62 -12.30 -15.73
CA SER A 22 1.96 -12.11 -16.27
C SER A 22 2.88 -11.62 -15.17
N GLY A 23 2.29 -11.11 -14.10
CA GLY A 23 3.07 -10.63 -12.97
C GLY A 23 3.76 -9.30 -13.14
N GLU A 24 3.22 -8.43 -13.99
CA GLU A 24 3.84 -7.13 -14.19
C GLU A 24 2.90 -6.05 -14.70
N LEU A 25 3.17 -4.81 -14.29
CA LEU A 25 2.38 -3.66 -14.69
C LEU A 25 3.20 -2.90 -15.73
N PRO A 26 2.53 -2.19 -16.66
CA PRO A 26 3.26 -1.44 -17.68
C PRO A 26 4.00 -0.26 -17.05
N ARG A 27 5.32 -0.20 -17.25
CA ARG A 27 6.14 0.88 -16.72
C ARG A 27 5.63 2.24 -17.17
N ASP A 28 5.24 2.32 -18.44
CA ASP A 28 4.71 3.55 -19.03
C ASP A 28 3.46 4.09 -18.31
N LEU A 29 2.64 3.20 -17.77
CA LEU A 29 1.43 3.63 -17.08
C LEU A 29 1.75 4.28 -15.75
N LEU A 30 2.69 3.68 -15.02
CA LEU A 30 3.07 4.19 -13.72
C LEU A 30 3.69 5.58 -13.80
N VAL A 31 4.61 5.78 -14.75
CA VAL A 31 5.24 7.09 -14.92
C VAL A 31 4.19 8.12 -15.30
N ARG A 32 3.24 7.71 -16.14
CA ARG A 32 2.15 8.57 -16.60
C ARG A 32 1.31 9.04 -15.41
N LEU A 33 0.91 8.09 -14.56
CA LEU A 33 0.12 8.40 -13.37
C LEU A 33 0.96 9.20 -12.37
N GLY A 34 2.24 8.86 -12.25
CA GLY A 34 3.11 9.56 -11.32
C GLY A 34 3.23 11.02 -11.72
N ALA A 35 3.45 11.25 -13.01
CA ALA A 35 3.59 12.59 -13.55
C ALA A 35 2.29 13.37 -13.43
N ASP A 36 1.16 12.67 -13.38
CA ASP A 36 -0.14 13.34 -13.24
C ASP A 36 -0.41 13.68 -11.78
N GLY A 37 0.48 13.25 -10.88
CA GLY A 37 0.29 13.51 -9.46
C GLY A 37 -0.59 12.47 -8.78
N LEU A 38 -1.11 11.52 -9.55
CA LEU A 38 -1.95 10.48 -8.98
C LEU A 38 -0.95 9.54 -8.31
N LEU A 39 -1.40 8.63 -7.46
CA LEU A 39 -0.45 7.75 -6.76
C LEU A 39 0.30 8.55 -5.72
N CYS A 40 0.16 9.87 -5.81
CA CYS A 40 0.81 10.84 -4.93
C CYS A 40 -0.16 11.98 -4.59
N ALA A 41 -1.43 11.79 -4.91
CA ALA A 41 -2.46 12.81 -4.74
C ALA A 41 -2.40 13.75 -3.54
N GLU A 42 -1.94 13.28 -2.38
CA GLU A 42 -1.90 14.13 -1.19
C GLU A 42 -0.73 15.12 -1.14
N VAL A 43 0.20 15.00 -2.07
CA VAL A 43 1.34 15.92 -2.09
C VAL A 43 0.85 17.33 -2.39
N ALA A 44 1.34 18.28 -1.59
CA ALA A 44 0.98 19.68 -1.72
C ALA A 44 1.25 20.23 -3.12
N ALA A 45 0.46 21.22 -3.53
CA ALA A 45 0.60 21.84 -4.84
C ALA A 45 1.96 22.52 -5.00
N GLU A 46 2.50 23.03 -3.89
CA GLU A 46 3.80 23.71 -3.91
C GLU A 46 4.90 22.83 -4.48
N HIS A 47 4.68 21.53 -4.46
CA HIS A 47 5.67 20.59 -4.97
C HIS A 47 5.16 19.94 -6.23
N GLY A 48 4.13 20.55 -6.81
CA GLY A 48 3.54 20.03 -8.03
C GLY A 48 2.55 18.91 -7.77
N GLY A 49 2.15 18.76 -6.51
CA GLY A 49 1.19 17.73 -6.17
C GLY A 49 -0.24 18.17 -6.38
N LEU A 50 -1.17 17.24 -6.23
CA LEU A 50 -2.59 17.53 -6.41
C LEU A 50 -3.21 18.13 -5.16
N GLY A 51 -2.53 17.99 -4.03
CA GLY A 51 -3.04 18.53 -2.78
C GLY A 51 -4.38 17.99 -2.34
N LEU A 52 -4.66 16.73 -2.62
CA LEU A 52 -5.94 16.16 -2.22
C LEU A 52 -5.97 15.83 -0.73
N GLY A 53 -7.15 15.89 -0.14
CA GLY A 53 -7.31 15.59 1.27
C GLY A 53 -7.35 14.07 1.43
N SER A 54 -7.44 13.57 2.66
CA SER A 54 -7.47 12.13 2.90
C SER A 54 -8.71 11.41 2.35
N ARG A 55 -9.87 12.06 2.44
CA ARG A 55 -11.09 11.46 1.91
C ARG A 55 -11.03 11.35 0.38
N GLU A 56 -10.71 12.45 -0.29
CA GLU A 56 -10.63 12.47 -1.75
C GLU A 56 -9.61 11.45 -2.25
N ASN A 57 -8.38 11.53 -1.75
CA ASN A 57 -7.36 10.59 -2.17
C ASN A 57 -7.76 9.17 -1.74
N GLY A 58 -8.42 9.06 -0.60
CA GLY A 58 -8.85 7.78 -0.08
C GLY A 58 -9.86 7.07 -0.99
N GLU A 59 -10.93 7.77 -1.33
CA GLU A 59 -11.93 7.19 -2.21
C GLU A 59 -11.32 6.90 -3.57
N PHE A 60 -10.34 7.71 -3.97
CA PHE A 60 -9.67 7.50 -5.24
C PHE A 60 -8.85 6.21 -5.16
N THR A 61 -8.21 6.01 -4.01
CA THR A 61 -7.40 4.83 -3.76
C THR A 61 -8.30 3.60 -3.71
N ALA A 62 -9.48 3.77 -3.11
CA ALA A 62 -10.45 2.69 -3.00
C ALA A 62 -10.88 2.28 -4.41
N HIS A 63 -11.16 3.25 -5.27
CA HIS A 63 -11.58 2.96 -6.63
C HIS A 63 -10.50 2.21 -7.41
N VAL A 64 -9.25 2.64 -7.27
CA VAL A 64 -8.17 1.96 -7.97
C VAL A 64 -8.06 0.54 -7.40
N GLY A 65 -8.22 0.41 -6.10
CA GLY A 65 -8.17 -0.91 -5.49
C GLY A 65 -9.22 -1.85 -6.07
N SER A 66 -10.39 -1.31 -6.38
CA SER A 66 -11.48 -2.10 -6.93
C SER A 66 -11.17 -2.59 -8.34
N LEU A 67 -10.18 -1.97 -8.99
CA LEU A 67 -9.79 -2.34 -10.34
C LEU A 67 -8.60 -3.30 -10.36
N CYS A 68 -7.54 -2.94 -9.65
CA CYS A 68 -6.34 -3.75 -9.58
C CYS A 68 -5.59 -3.38 -8.31
N SER A 69 -5.40 -4.36 -7.42
CA SER A 69 -4.71 -4.09 -6.15
C SER A 69 -3.19 -3.99 -6.30
N SER A 70 -2.65 -4.48 -7.42
CA SER A 70 -1.20 -4.37 -7.64
C SER A 70 -0.93 -2.89 -7.93
N LEU A 71 -1.74 -2.32 -8.81
CA LEU A 71 -1.59 -0.91 -9.15
C LEU A 71 -1.80 -0.08 -7.89
N ARG A 72 -2.82 -0.46 -7.10
CA ARG A 72 -3.14 0.23 -5.86
C ARG A 72 -1.94 0.18 -4.92
N SER A 73 -1.25 -0.95 -4.89
CA SER A 73 -0.08 -1.11 -4.02
C SER A 73 1.03 -0.12 -4.40
N VAL A 74 1.13 0.19 -5.69
CA VAL A 74 2.14 1.13 -6.17
C VAL A 74 1.80 2.52 -5.65
N MET A 75 0.51 2.84 -5.63
CA MET A 75 0.04 4.13 -5.12
C MET A 75 0.36 4.24 -3.65
N THR A 76 0.21 3.14 -2.92
CA THR A 76 0.49 3.16 -1.49
C THR A 76 1.99 3.37 -1.25
N SER A 77 2.84 2.70 -2.04
CA SER A 77 4.27 2.84 -1.89
C SER A 77 4.70 4.27 -2.25
N GLN A 78 4.16 4.76 -3.37
CA GLN A 78 4.44 6.11 -3.82
C GLN A 78 4.04 7.10 -2.75
N GLY A 79 2.79 6.99 -2.31
CA GLY A 79 2.25 7.88 -1.29
C GLY A 79 2.99 7.82 0.02
N MET A 80 3.40 6.61 0.40
CA MET A 80 4.10 6.42 1.66
C MET A 80 5.49 7.06 1.59
N ALA A 81 6.15 6.91 0.46
CA ALA A 81 7.47 7.50 0.27
C ALA A 81 7.38 9.02 0.34
N ALA A 82 6.40 9.58 -0.36
CA ALA A 82 6.19 11.02 -0.40
C ALA A 82 5.92 11.56 0.99
N TRP A 83 5.05 10.88 1.72
CA TRP A 83 4.68 11.26 3.08
C TRP A 83 5.91 11.21 3.99
N THR A 84 6.66 10.13 3.90
CA THR A 84 7.86 9.96 4.71
C THR A 84 8.85 11.11 4.51
N VAL A 85 9.02 11.55 3.27
CA VAL A 85 9.95 12.62 2.98
C VAL A 85 9.43 13.99 3.43
N GLN A 86 8.13 14.20 3.31
CA GLN A 86 7.60 15.48 3.72
C GLN A 86 7.33 15.54 5.22
N ARG A 87 7.47 14.41 5.90
CA ARG A 87 7.26 14.35 7.35
C ARG A 87 8.60 14.40 8.08
N LEU A 88 9.65 13.91 7.41
CA LEU A 88 10.99 13.87 7.99
C LEU A 88 11.98 14.81 7.31
N GLY A 89 11.97 14.85 5.98
CA GLY A 89 12.88 15.70 5.24
C GLY A 89 12.77 17.18 5.58
N ASP A 90 13.77 17.96 5.17
CA ASP A 90 13.75 19.39 5.44
C ASP A 90 13.15 20.14 4.25
N ALA A 91 13.38 21.44 4.19
CA ALA A 91 12.85 22.28 3.12
C ALA A 91 13.44 21.90 1.77
N GLY A 92 14.76 21.76 1.71
CA GLY A 92 15.41 21.41 0.46
C GLY A 92 15.13 19.98 0.04
N GLN A 93 15.04 19.08 1.01
CA GLN A 93 14.77 17.67 0.74
C GLN A 93 13.37 17.47 0.22
N ARG A 94 12.38 18.06 0.90
CA ARG A 94 11.01 17.93 0.46
C ARG A 94 10.84 18.58 -0.93
N ALA A 95 11.50 19.72 -1.12
CA ALA A 95 11.41 20.45 -2.38
C ALA A 95 11.98 19.66 -3.57
N THR A 96 13.02 18.88 -3.32
CA THR A 96 13.63 18.10 -4.39
C THR A 96 12.92 16.79 -4.70
N PHE A 97 12.75 15.96 -3.67
CA PHE A 97 12.12 14.66 -3.84
C PHE A 97 10.64 14.67 -4.19
N LEU A 98 9.86 15.51 -3.51
CA LEU A 98 8.43 15.56 -3.78
C LEU A 98 8.11 15.95 -5.23
N LYS A 99 8.88 16.87 -5.80
CA LYS A 99 8.64 17.30 -7.18
C LYS A 99 8.92 16.17 -8.16
N GLU A 100 9.90 15.33 -7.84
CA GLU A 100 10.22 14.22 -8.73
C GLU A 100 9.14 13.13 -8.66
N LEU A 101 8.52 12.97 -7.50
CA LEU A 101 7.48 11.96 -7.32
C LEU A 101 6.15 12.39 -7.93
N THR A 102 6.15 13.56 -8.57
CA THR A 102 4.95 14.08 -9.19
C THR A 102 5.34 14.70 -10.57
N SER A 103 6.43 14.19 -11.14
CA SER A 103 6.93 14.55 -12.43
C SER A 103 7.27 13.20 -13.11
N GLY A 104 6.85 12.10 -12.46
CA GLY A 104 7.02 10.76 -12.97
C GLY A 104 8.35 10.08 -12.70
N LEU A 106 9.20 7.24 -9.68
CA LEU A 106 8.73 6.11 -8.90
C LEU A 106 9.63 5.86 -7.68
N ALA A 107 9.01 5.56 -6.55
CA ALA A 107 9.75 5.27 -5.33
C ALA A 107 9.13 4.09 -4.59
N ALA A 108 9.90 3.50 -3.70
CA ALA A 108 9.43 2.37 -2.91
C ALA A 108 9.95 2.63 -1.50
N VAL A 109 9.39 1.94 -0.52
CA VAL A 109 9.81 2.12 0.86
C VAL A 109 10.15 0.75 1.46
N GLY A 110 11.40 0.56 1.84
CA GLY A 110 11.82 -0.71 2.40
C GLY A 110 12.35 -0.59 3.82
N PHE A 111 11.69 -1.24 4.75
CA PHE A 111 12.11 -1.24 6.15
C PHE A 111 12.18 -2.67 6.66
N SER A 112 11.34 -3.53 6.11
CA SER A 112 11.31 -4.92 6.51
C SER A 112 12.57 -5.70 6.12
N GLU A 113 12.96 -6.66 6.95
CA GLU A 113 14.12 -7.49 6.69
C GLU A 113 13.80 -8.95 7.00
N ARG A 114 14.65 -9.85 6.54
CA ARG A 114 14.46 -11.29 6.74
C ARG A 114 14.15 -11.63 8.20
N GLN A 115 14.86 -11.01 9.13
CA GLN A 115 14.66 -11.29 10.55
C GLN A 115 13.81 -10.25 11.27
N ALA A 116 13.39 -9.21 10.55
CA ALA A 116 12.58 -8.15 11.15
C ALA A 116 11.32 -7.91 10.34
N GLY A 117 10.22 -8.55 10.76
CA GLY A 117 8.94 -8.39 10.08
C GLY A 117 8.01 -7.57 10.95
N SER A 118 7.30 -8.25 11.84
CA SER A 118 6.39 -7.56 12.74
C SER A 118 7.25 -6.75 13.72
N ASP A 119 8.46 -7.25 13.99
CA ASP A 119 9.40 -6.61 14.90
C ASP A 119 10.42 -5.77 14.13
N LEU A 120 9.98 -4.57 13.77
CA LEU A 120 10.77 -3.59 13.02
C LEU A 120 12.09 -3.20 13.69
N SER A 121 12.10 -3.16 15.02
CA SER A 121 13.31 -2.76 15.73
C SER A 121 14.43 -3.78 15.59
N ALA A 122 14.13 -4.89 14.92
CA ALA A 122 15.11 -5.95 14.72
C ALA A 122 15.93 -5.78 13.43
N MET A 123 15.62 -4.77 12.63
CA MET A 123 16.37 -4.54 11.39
C MET A 123 17.84 -4.23 11.73
N ARG A 124 18.77 -4.71 10.91
CA ARG A 124 20.19 -4.48 11.16
C ARG A 124 20.87 -3.58 10.13
N THR A 125 20.13 -3.15 9.13
CA THR A 125 20.71 -2.29 8.11
C THR A 125 21.23 -1.01 8.78
N ARG A 126 22.40 -0.56 8.36
CA ARG A 126 23.02 0.63 8.95
C ARG A 126 23.28 1.77 7.96
N VAL A 127 23.11 3.00 8.46
CA VAL A 127 23.34 4.21 7.69
C VAL A 127 24.43 4.95 8.45
N ARG A 128 25.52 5.27 7.77
CA ARG A 128 26.61 5.95 8.45
C ARG A 128 27.07 7.26 7.78
N LEU A 129 26.73 8.37 8.43
CA LEU A 129 27.09 9.71 7.97
C LEU A 129 28.63 9.81 8.08
N ASP A 130 29.28 10.27 7.02
CA ASP A 130 30.73 10.39 7.01
C ASP A 130 31.15 11.55 6.10
N GLY A 131 31.08 12.76 6.64
CA GLY A 131 31.44 13.92 5.87
C GLY A 131 30.33 14.40 4.95
N ASP A 132 30.62 14.45 3.66
CA ASP A 132 29.67 14.90 2.65
C ASP A 132 28.92 13.69 2.07
N THR A 133 29.20 12.51 2.61
CA THR A 133 28.61 11.29 2.10
C THR A 133 28.08 10.29 3.13
N ALA A 134 26.99 9.59 2.77
CA ALA A 134 26.38 8.59 3.64
C ALA A 134 26.58 7.19 3.05
N VAL A 135 26.84 6.22 3.91
CA VAL A 135 27.03 4.85 3.46
C VAL A 135 25.98 3.95 4.10
N VAL A 136 25.16 3.32 3.26
CA VAL A 136 24.11 2.43 3.76
C VAL A 136 24.47 1.01 3.40
N ASP A 137 24.32 0.11 4.36
CA ASP A 137 24.65 -1.29 4.14
C ASP A 137 23.60 -2.16 4.81
N GLY A 138 22.97 -3.03 4.03
CA GLY A 138 21.95 -3.90 4.59
C GLY A 138 21.19 -4.70 3.56
N HIS A 139 19.99 -5.13 3.94
CA HIS A 139 19.14 -5.93 3.08
C HIS A 139 17.68 -5.73 3.49
N LYS A 140 16.80 -5.56 2.51
CA LYS A 140 15.38 -5.40 2.79
C LYS A 140 14.66 -6.48 1.99
N VAL A 141 13.48 -6.88 2.45
CA VAL A 141 12.72 -7.92 1.78
C VAL A 141 11.34 -7.46 1.38
N TRP A 142 10.79 -8.11 0.37
CA TRP A 142 9.43 -7.82 -0.11
C TRP A 142 9.07 -6.36 -0.37
N THR A 143 10.05 -5.53 -0.72
CA THR A 143 9.77 -4.12 -0.98
C THR A 143 8.83 -3.92 -2.16
N THR A 144 7.63 -3.40 -1.89
CA THR A 144 6.65 -3.16 -2.94
C THR A 144 7.07 -2.10 -3.95
N ALA A 145 6.81 -2.38 -5.23
CA ALA A 145 7.13 -1.49 -6.34
C ALA A 145 8.63 -1.26 -6.55
N ALA A 146 9.47 -1.92 -5.76
CA ALA A 146 10.91 -1.73 -5.87
C ALA A 146 11.44 -2.03 -7.28
N ALA A 147 10.80 -2.96 -7.98
CA ALA A 147 11.23 -3.34 -9.33
C ALA A 147 10.99 -2.20 -10.33
N TYR A 148 10.23 -1.19 -9.92
CA TYR A 148 9.91 -0.07 -10.80
C TYR A 148 10.52 1.25 -10.33
N ALA A 149 10.86 1.31 -9.05
CA ALA A 149 11.37 2.54 -8.45
C ALA A 149 12.68 3.13 -8.95
N ASP A 150 12.73 4.47 -8.92
CA ASP A 150 13.92 5.22 -9.29
C ASP A 150 14.57 5.51 -7.94
N HIS A 151 13.73 5.73 -6.93
CA HIS A 151 14.18 6.05 -5.58
C HIS A 151 13.80 4.96 -4.58
N LEU A 152 14.73 4.63 -3.70
CA LEU A 152 14.48 3.64 -2.68
C LEU A 152 14.60 4.31 -1.32
N VAL A 153 13.48 4.43 -0.62
CA VAL A 153 13.46 5.06 0.69
C VAL A 153 13.77 3.96 1.69
N VAL A 154 15.01 3.95 2.17
CA VAL A 154 15.48 2.91 3.09
C VAL A 154 15.61 3.32 4.56
N PHE A 155 15.10 2.46 5.43
CA PHE A 155 15.16 2.67 6.88
C PHE A 155 16.34 1.85 7.41
N GLY A 156 16.96 2.34 8.46
CA GLY A 156 18.10 1.66 9.05
C GLY A 156 18.55 2.26 10.37
N LEU A 157 19.60 1.70 10.95
CA LEU A 157 20.13 2.18 12.22
C LEU A 157 21.40 3.00 11.99
N GLN A 158 21.47 4.16 12.63
CA GLN A 158 22.63 5.00 12.47
C GLN A 158 23.77 4.38 13.28
N GLU A 159 24.22 5.05 14.34
CA GLU A 159 25.31 4.55 15.18
C GLU A 159 25.10 5.00 16.62
N ASP A 160 24.84 6.29 16.78
CA ASP A 160 24.55 6.90 18.07
C ASP A 160 23.04 6.84 18.12
N GLY A 161 22.43 7.93 17.65
CA GLY A 161 20.98 8.03 17.58
C GLY A 161 20.50 7.10 16.49
N SER A 162 20.30 5.84 16.90
CA SER A 162 19.85 4.78 16.03
C SER A 162 18.60 5.19 15.26
N GLY A 163 18.44 4.66 14.05
CA GLY A 163 17.28 5.00 13.27
C GLY A 163 17.47 6.19 12.33
N ALA A 164 17.48 5.91 11.03
CA ALA A 164 17.65 6.94 10.02
C ALA A 164 16.97 6.48 8.74
N VAL A 165 16.66 7.42 7.86
CA VAL A 165 15.99 7.10 6.60
C VAL A 165 16.78 7.72 5.45
N VAL A 166 17.13 6.91 4.46
CA VAL A 166 17.90 7.38 3.31
C VAL A 166 17.24 7.12 1.96
N VAL A 167 17.22 8.14 1.11
CA VAL A 167 16.63 8.02 -0.23
C VAL A 167 17.79 7.61 -1.13
N VAL A 168 17.78 6.36 -1.57
CA VAL A 168 18.84 5.82 -2.42
C VAL A 168 18.43 5.60 -3.88
N PRO A 169 19.22 6.15 -4.82
CA PRO A 169 18.90 5.98 -6.24
C PRO A 169 19.02 4.49 -6.59
N ALA A 170 18.02 3.95 -7.26
CA ALA A 170 17.99 2.54 -7.63
C ALA A 170 19.21 2.07 -8.42
N ASP A 171 19.89 2.99 -9.08
CA ASP A 171 21.05 2.65 -9.89
C ASP A 171 22.39 3.01 -9.25
N THR A 172 22.40 3.27 -7.95
CA THR A 172 23.65 3.62 -7.29
C THR A 172 24.48 2.34 -7.24
N PRO A 173 25.77 2.43 -7.60
CA PRO A 173 26.61 1.24 -7.56
C PRO A 173 26.49 0.55 -6.21
N GLY A 174 26.40 -0.77 -6.22
CA GLY A 174 26.29 -1.51 -4.98
C GLY A 174 24.87 -1.94 -4.62
N VAL A 175 23.86 -1.44 -5.33
CA VAL A 175 22.50 -1.84 -5.03
C VAL A 175 22.00 -2.87 -6.03
N ARG A 176 21.35 -3.89 -5.51
CA ARG A 176 20.79 -4.95 -6.33
C ARG A 176 19.35 -5.20 -5.89
N VAL A 177 18.42 -4.98 -6.82
CA VAL A 177 17.01 -5.19 -6.57
C VAL A 177 16.62 -6.53 -7.18
N GLU A 178 16.39 -7.53 -6.33
CA GLU A 178 16.02 -8.85 -6.79
C GLU A 178 14.52 -9.08 -6.57
N ARG A 179 13.78 -9.19 -7.66
CA ARG A 179 12.34 -9.38 -7.60
C ARG A 179 11.96 -10.67 -6.88
N VAL A 180 10.89 -10.61 -6.09
CA VAL A 180 10.39 -11.80 -5.41
C VAL A 180 9.92 -12.67 -6.57
N PRO A 181 10.45 -13.90 -6.69
CA PRO A 181 10.06 -14.81 -7.77
C PRO A 181 8.58 -15.05 -8.06
N LYS A 182 7.86 -15.67 -7.13
CA LYS A 182 6.44 -15.95 -7.35
C LYS A 182 5.55 -15.47 -6.20
N PRO A 183 5.24 -14.16 -6.15
CA PRO A 183 4.38 -13.60 -5.10
C PRO A 183 2.98 -14.21 -5.17
N SER A 184 2.40 -14.50 -4.01
CA SER A 184 1.06 -15.11 -3.99
C SER A 184 -0.06 -14.15 -4.39
N GLY A 185 0.05 -12.89 -4.00
CA GLY A 185 -0.97 -11.90 -4.33
C GLY A 185 -0.35 -10.59 -4.74
N CYS A 186 -1.15 -9.64 -5.22
CA CYS A 186 -0.63 -8.35 -5.67
C CYS A 186 0.60 -8.65 -6.56
N ARG A 187 0.46 -9.74 -7.32
CA ARG A 187 1.52 -10.25 -8.19
C ARG A 187 2.17 -9.31 -9.22
N ALA A 188 1.50 -8.21 -9.54
CA ALA A 188 2.07 -7.26 -10.50
C ALA A 188 2.61 -6.01 -9.81
N ALA A 189 2.69 -6.04 -8.48
CA ALA A 189 3.16 -4.88 -7.72
C ALA A 189 4.67 -4.67 -7.72
N GLY A 190 5.40 -5.56 -8.38
CA GLY A 190 6.85 -5.41 -8.45
C GLY A 190 7.61 -5.56 -7.14
N HIS A 191 7.25 -6.54 -6.32
CA HIS A 191 7.91 -6.78 -5.04
C HIS A 191 9.35 -7.23 -5.32
N ALA A 192 10.28 -6.79 -4.50
CA ALA A 192 11.67 -7.20 -4.69
C ALA A 192 12.49 -6.96 -3.43
N ASP A 193 13.47 -7.83 -3.20
CA ASP A 193 14.34 -7.68 -2.05
C ASP A 193 15.42 -6.69 -2.47
N LEU A 194 15.98 -5.98 -1.49
CA LEU A 194 17.01 -4.99 -1.77
C LEU A 194 18.34 -5.43 -1.16
N HIS A 195 19.36 -5.53 -1.99
CA HIS A 195 20.69 -5.89 -1.51
C HIS A 195 21.53 -4.63 -1.55
N LEU A 196 21.91 -4.14 -0.36
CA LEU A 196 22.70 -2.93 -0.27
C LEU A 196 24.12 -3.23 0.23
N ASP A 197 25.06 -3.27 -0.69
CA ASP A 197 26.47 -3.54 -0.36
C ASP A 197 27.28 -2.26 -0.44
N GLN A 198 27.51 -1.64 0.72
CA GLN A 198 28.28 -0.38 0.80
C GLN A 198 27.84 0.62 -0.26
N VAL A 199 26.63 1.15 -0.13
CA VAL A 199 26.13 2.12 -1.10
C VAL A 199 26.45 3.54 -0.66
N ARG A 200 27.16 4.27 -1.51
CA ARG A 200 27.53 5.65 -1.20
C ARG A 200 26.57 6.65 -1.83
N VAL A 201 26.04 7.55 -1.01
CA VAL A 201 25.13 8.58 -1.49
C VAL A 201 25.40 9.89 -0.76
N PRO A 202 24.97 11.02 -1.34
CA PRO A 202 25.19 12.33 -0.72
C PRO A 202 24.61 12.38 0.69
N ALA A 203 25.26 13.13 1.57
CA ALA A 203 24.78 13.27 2.94
C ALA A 203 23.37 13.85 2.90
N GLY A 204 23.05 14.55 1.81
CA GLY A 204 21.75 15.15 1.67
C GLY A 204 20.64 14.14 1.42
N ALA A 205 21.04 12.90 1.11
CA ALA A 205 20.09 11.83 0.84
C ALA A 205 19.44 11.39 2.14
N VAL A 206 20.16 11.56 3.25
CA VAL A 206 19.65 11.17 4.56
C VAL A 206 18.72 12.25 5.10
N LEU A 207 17.43 11.92 5.14
CA LEU A 207 16.42 12.86 5.63
C LEU A 207 16.74 13.43 7.00
N ALA A 208 16.41 14.70 7.20
CA ALA A 208 16.65 15.37 8.47
C ALA A 208 15.74 14.73 9.51
N GLY A 209 16.17 14.70 10.76
CA GLY A 209 15.34 14.09 11.77
C GLY A 209 15.60 12.59 11.78
N SER A 210 16.60 12.17 11.03
CA SER A 210 16.99 10.76 10.98
C SER A 210 17.78 10.41 12.24
N GLY A 211 17.48 11.10 13.34
CA GLY A 211 18.19 10.84 14.58
C GLY A 211 17.30 10.34 15.71
N ALA A 212 15.99 10.41 15.49
CA ALA A 212 15.03 9.95 16.48
C ALA A 212 15.09 8.43 16.56
N SER A 213 14.48 7.85 17.58
CA SER A 213 14.48 6.40 17.78
C SER A 213 13.94 5.61 16.59
N LEU A 214 14.14 4.29 16.63
CA LEU A 214 13.67 3.41 15.57
C LEU A 214 12.18 3.68 15.37
N PRO A 215 11.37 3.56 16.45
CA PRO A 215 9.94 3.82 16.29
C PRO A 215 9.81 5.31 15.96
N MET A 216 8.60 5.87 16.02
CA MET A 216 8.41 7.27 15.67
C MET A 216 8.63 7.29 14.16
N LEU A 217 9.87 7.07 13.74
CA LEU A 217 10.16 6.96 12.31
C LEU A 217 9.50 5.61 12.06
N VAL A 218 9.21 5.27 10.82
CA VAL A 218 8.54 4.00 10.52
C VAL A 218 7.08 4.17 10.98
N ALA A 219 6.89 4.53 12.24
CA ALA A 219 5.55 4.75 12.78
C ALA A 219 4.95 5.93 12.01
N ALA A 220 5.82 6.87 11.65
CA ALA A 220 5.39 8.04 10.90
C ALA A 220 5.06 7.62 9.47
N SER A 221 5.89 6.73 8.91
CA SER A 221 5.69 6.26 7.55
C SER A 221 4.54 5.26 7.46
N LEU A 222 4.39 4.43 8.50
CA LEU A 222 3.34 3.42 8.53
C LEU A 222 1.96 4.04 8.65
N ALA A 223 1.89 5.25 9.21
CA ALA A 223 0.60 5.94 9.35
C ALA A 223 0.01 6.00 7.95
N TYR A 224 0.84 6.40 6.98
CA TYR A 224 0.37 6.41 5.60
C TYR A 224 0.68 4.98 5.24
N GLY A 225 -0.10 4.37 4.38
CA GLY A 225 0.17 2.98 4.07
C GLY A 225 -0.92 2.24 4.80
N ARG A 226 -1.02 2.44 6.11
CA ARG A 226 -2.10 1.82 6.88
C ARG A 226 -3.38 2.49 6.39
N LYS A 227 -3.31 3.80 6.18
CA LYS A 227 -4.47 4.56 5.71
C LYS A 227 -4.78 4.17 4.26
N SER A 228 -3.72 4.03 3.48
CA SER A 228 -3.85 3.69 2.07
C SER A 228 -4.34 2.25 1.89
N VAL A 229 -3.78 1.33 2.68
CA VAL A 229 -4.19 -0.06 2.59
C VAL A 229 -5.65 -0.17 2.99
N ALA A 230 -6.05 0.59 4.01
CA ALA A 230 -7.44 0.55 4.48
C ALA A 230 -8.39 0.94 3.33
N TRP A 231 -8.08 2.03 2.64
CA TRP A 231 -8.90 2.48 1.53
C TRP A 231 -8.81 1.48 0.38
N GLY A 232 -7.63 0.87 0.23
CA GLY A 232 -7.45 -0.11 -0.82
C GLY A 232 -8.41 -1.26 -0.58
N CYS A 233 -8.55 -1.65 0.68
CA CYS A 233 -9.45 -2.76 1.03
C CYS A 233 -10.91 -2.42 0.81
N VAL A 234 -11.25 -1.15 1.00
CA VAL A 234 -12.62 -0.72 0.74
C VAL A 234 -12.84 -0.98 -0.76
N GLY A 235 -11.81 -0.73 -1.56
CA GLY A 235 -11.91 -0.95 -3.00
C GLY A 235 -12.14 -2.42 -3.33
N ILE A 236 -11.41 -3.30 -2.64
CA ILE A 236 -11.56 -4.72 -2.84
C ILE A 236 -13.02 -5.14 -2.51
N LEU A 237 -13.55 -4.59 -1.42
CA LEU A 237 -14.92 -4.91 -1.03
C LEU A 237 -15.89 -4.40 -2.10
N ARG A 238 -15.59 -3.25 -2.68
CA ARG A 238 -16.45 -2.69 -3.75
C ARG A 238 -16.47 -3.66 -4.92
N ALA A 239 -15.30 -4.12 -5.35
CA ALA A 239 -15.22 -5.06 -6.47
C ALA A 239 -15.94 -6.37 -6.18
N CYS A 240 -15.78 -6.86 -4.95
CA CYS A 240 -16.42 -8.11 -4.57
C CYS A 240 -17.94 -7.96 -4.48
N ARG A 241 -18.40 -6.87 -3.89
CA ARG A 241 -19.84 -6.64 -3.77
C ARG A 241 -20.48 -6.48 -5.15
N THR A 242 -19.85 -5.71 -6.02
CA THR A 242 -20.41 -5.49 -7.35
C THR A 242 -20.39 -6.74 -8.23
N ALA A 243 -19.35 -7.56 -8.10
CA ALA A 243 -19.27 -8.79 -8.89
C ALA A 243 -20.30 -9.80 -8.39
N ALA A 244 -20.46 -9.90 -7.07
CA ALA A 244 -21.41 -10.83 -6.49
C ALA A 244 -22.83 -10.44 -6.85
N VAL A 245 -23.16 -9.16 -6.71
CA VAL A 245 -24.50 -8.71 -7.07
C VAL A 245 -24.77 -8.95 -8.55
N ALA A 246 -23.79 -8.64 -9.40
CA ALA A 246 -23.97 -8.84 -10.84
C ALA A 246 -24.30 -10.30 -11.14
N HIS A 247 -23.59 -11.22 -10.49
CA HIS A 247 -23.82 -12.64 -10.70
C HIS A 247 -25.17 -13.07 -10.11
N ALA A 248 -25.48 -12.51 -8.94
CA ALA A 248 -26.72 -12.83 -8.22
C ALA A 248 -28.03 -12.37 -8.89
N ARG A 249 -28.01 -11.30 -9.68
CA ARG A 249 -29.25 -10.89 -10.31
C ARG A 249 -29.37 -11.33 -11.75
N THR A 250 -28.37 -12.06 -12.24
CA THR A 250 -28.37 -12.54 -13.61
C THR A 250 -28.40 -14.07 -13.70
N ARG A 251 -27.56 -14.73 -12.91
CA ARG A 251 -27.50 -16.19 -12.87
C ARG A 251 -28.78 -16.76 -12.26
N GLU A 252 -29.37 -17.75 -12.93
CA GLU A 252 -30.59 -18.38 -12.41
C GLU A 252 -30.32 -19.84 -12.14
N GLN A 253 -30.89 -20.34 -11.05
CA GLN A 253 -30.75 -21.73 -10.67
C GLN A 253 -32.02 -22.09 -9.89
N PHE A 254 -32.57 -23.28 -10.18
CA PHE A 254 -33.81 -23.73 -9.55
C PHE A 254 -34.96 -22.79 -9.94
N GLY A 255 -34.91 -22.30 -11.17
CA GLY A 255 -35.96 -21.45 -11.68
C GLY A 255 -36.02 -19.99 -11.24
N ARG A 256 -34.95 -19.47 -10.65
CA ARG A 256 -34.96 -18.07 -10.25
C ARG A 256 -33.56 -17.50 -10.04
N PRO A 257 -33.44 -16.17 -10.11
CA PRO A 257 -32.12 -15.54 -9.94
C PRO A 257 -31.56 -15.95 -8.57
N LEU A 258 -30.24 -16.18 -8.52
CA LEU A 258 -29.58 -16.57 -7.28
C LEU A 258 -29.96 -15.61 -6.15
N GLY A 259 -30.09 -14.33 -6.50
CA GLY A 259 -30.42 -13.32 -5.52
C GLY A 259 -31.71 -13.61 -4.77
N ASP A 260 -32.61 -14.37 -5.40
CA ASP A 260 -33.89 -14.70 -4.76
C ASP A 260 -33.75 -15.82 -3.73
N HIS A 261 -32.62 -16.52 -3.72
CA HIS A 261 -32.42 -17.56 -2.73
C HIS A 261 -31.90 -16.83 -1.49
N GLN A 262 -32.66 -16.90 -0.40
CA GLN A 262 -32.30 -16.17 0.81
C GLN A 262 -30.86 -16.34 1.30
N LEU A 263 -30.29 -17.53 1.14
CA LEU A 263 -28.92 -17.75 1.58
C LEU A 263 -27.97 -16.87 0.78
N VAL A 264 -28.23 -16.74 -0.52
CA VAL A 264 -27.40 -15.90 -1.39
C VAL A 264 -27.67 -14.44 -1.04
N ALA A 265 -28.93 -14.11 -0.78
CA ALA A 265 -29.28 -12.75 -0.40
C ALA A 265 -28.45 -12.41 0.84
N GLY A 266 -28.36 -13.37 1.76
CA GLY A 266 -27.60 -13.18 2.99
C GLY A 266 -26.15 -12.83 2.73
N HIS A 267 -25.55 -13.50 1.75
CA HIS A 267 -24.16 -13.23 1.40
C HIS A 267 -24.03 -11.83 0.82
N ILE A 268 -25.02 -11.44 0.02
CA ILE A 268 -25.02 -10.12 -0.59
C ILE A 268 -25.11 -9.05 0.49
N ALA A 269 -25.96 -9.30 1.49
CA ALA A 269 -26.15 -8.39 2.59
C ALA A 269 -24.84 -8.26 3.40
N ASP A 270 -24.16 -9.38 3.61
CA ASP A 270 -22.92 -9.35 4.37
C ASP A 270 -21.82 -8.62 3.58
N LEU A 271 -21.84 -8.76 2.25
CA LEU A 271 -20.84 -8.08 1.43
C LEU A 271 -21.08 -6.58 1.44
N TRP A 272 -22.35 -6.19 1.33
CA TRP A 272 -22.72 -4.80 1.34
C TRP A 272 -22.38 -4.18 2.69
N THR A 273 -22.71 -4.90 3.76
CA THR A 273 -22.46 -4.46 5.12
C THR A 273 -20.97 -4.32 5.41
N ALA A 274 -20.17 -5.26 4.91
CA ALA A 274 -18.73 -5.21 5.11
C ALA A 274 -18.17 -3.98 4.42
N GLU A 275 -18.59 -3.76 3.17
CA GLU A 275 -18.14 -2.61 2.41
C GLU A 275 -18.47 -1.30 3.12
N GLN A 276 -19.68 -1.21 3.69
CA GLN A 276 -20.10 -0.01 4.39
C GLN A 276 -19.29 0.22 5.65
N ILE A 277 -19.03 -0.86 6.40
CA ILE A 277 -18.26 -0.77 7.63
C ILE A 277 -16.84 -0.27 7.33
N ALA A 278 -16.19 -0.88 6.35
CA ALA A 278 -14.83 -0.48 5.98
C ALA A 278 -14.77 0.99 5.55
N ALA A 279 -15.76 1.43 4.79
CA ALA A 279 -15.79 2.82 4.34
C ALA A 279 -15.94 3.80 5.50
N ARG A 280 -16.86 3.52 6.40
CA ARG A 280 -17.11 4.39 7.55
C ARG A 280 -15.85 4.56 8.39
N VAL A 281 -15.18 3.46 8.70
CA VAL A 281 -13.98 3.53 9.52
C VAL A 281 -12.85 4.27 8.80
N CYS A 282 -12.78 4.12 7.47
CA CYS A 282 -11.75 4.79 6.69
C CYS A 282 -12.01 6.29 6.66
N GLU A 283 -13.27 6.67 6.56
CA GLU A 283 -13.68 8.06 6.53
C GLU A 283 -13.34 8.75 7.85
N TYR A 284 -13.63 8.05 8.95
CA TYR A 284 -13.35 8.57 10.29
C TYR A 284 -11.85 8.83 10.48
N ALA A 285 -11.04 7.86 10.08
CA ALA A 285 -9.59 8.01 10.22
C ALA A 285 -9.08 9.14 9.32
N SER A 286 -9.66 9.26 8.13
CA SER A 286 -9.24 10.30 7.20
C SER A 286 -9.57 11.69 7.73
N ASP A 287 -10.70 11.82 8.43
CA ASP A 287 -11.07 13.11 9.01
C ASP A 287 -10.04 13.49 10.08
N HIS A 288 -9.74 12.57 10.98
CA HIS A 288 -8.75 12.82 12.02
C HIS A 288 -7.34 12.91 11.44
N MET A 296 -6.36 9.28 15.80
CA MET A 296 -5.57 9.61 14.62
C MET A 296 -4.71 8.41 14.26
N VAL A 297 -3.74 8.11 15.10
CA VAL A 297 -2.91 6.94 14.90
C VAL A 297 -3.78 5.71 15.17
N PRO A 298 -4.52 5.72 16.30
CA PRO A 298 -5.38 4.56 16.61
C PRO A 298 -6.53 4.38 15.62
N ALA A 299 -7.09 5.48 15.12
CA ALA A 299 -8.18 5.41 14.16
C ALA A 299 -7.69 4.83 12.84
N THR A 300 -6.43 5.10 12.50
CA THR A 300 -5.84 4.60 11.28
C THR A 300 -5.52 3.10 11.42
N ILE A 301 -4.99 2.70 12.56
CA ILE A 301 -4.69 1.29 12.80
C ILE A 301 -6.02 0.53 12.73
N LEU A 302 -7.03 1.13 13.35
CA LEU A 302 -8.36 0.55 13.37
C LEU A 302 -8.92 0.37 11.97
N ALA A 303 -8.78 1.40 11.13
CA ALA A 303 -9.29 1.35 9.76
C ALA A 303 -8.63 0.26 8.93
N LYS A 304 -7.30 0.20 9.01
CA LYS A 304 -6.57 -0.80 8.26
C LYS A 304 -6.99 -2.19 8.71
N HIS A 305 -7.02 -2.39 10.02
CA HIS A 305 -7.38 -3.68 10.61
C HIS A 305 -8.75 -4.19 10.17
N VAL A 306 -9.78 -3.38 10.41
CA VAL A 306 -11.14 -3.75 10.05
C VAL A 306 -11.35 -3.91 8.55
N ALA A 307 -10.87 -2.95 7.76
CA ALA A 307 -11.03 -3.01 6.32
C ALA A 307 -10.37 -4.26 5.75
N ALA A 308 -9.20 -4.60 6.29
CA ALA A 308 -8.49 -5.77 5.83
C ALA A 308 -9.21 -7.07 6.19
N GLU A 309 -9.59 -7.22 7.46
CA GLU A 309 -10.29 -8.43 7.88
C GLU A 309 -11.63 -8.56 7.16
N ARG A 310 -12.34 -7.45 7.01
CA ARG A 310 -13.63 -7.47 6.31
C ARG A 310 -13.43 -7.76 4.83
N ALA A 311 -12.36 -7.23 4.24
CA ALA A 311 -12.08 -7.46 2.83
C ALA A 311 -11.76 -8.94 2.56
N ALA A 312 -10.98 -9.55 3.47
CA ALA A 312 -10.62 -10.96 3.33
C ALA A 312 -11.87 -11.84 3.44
N ALA A 313 -12.74 -11.49 4.38
CA ALA A 313 -13.97 -12.26 4.57
C ALA A 313 -14.90 -12.01 3.37
N GLY A 314 -14.98 -10.76 2.95
CA GLY A 314 -15.82 -10.42 1.81
C GLY A 314 -15.40 -11.14 0.53
N ALA A 315 -14.09 -11.23 0.31
CA ALA A 315 -13.59 -11.89 -0.89
C ALA A 315 -13.97 -13.36 -0.89
N ALA A 316 -13.89 -14.03 0.26
CA ALA A 316 -14.25 -15.44 0.35
C ALA A 316 -15.74 -15.62 0.07
N THR A 317 -16.54 -14.68 0.56
CA THR A 317 -17.99 -14.71 0.38
C THR A 317 -18.36 -14.51 -1.09
N ALA A 318 -17.70 -13.56 -1.74
CA ALA A 318 -17.95 -13.28 -3.14
C ALA A 318 -17.54 -14.49 -4.00
N ALA A 319 -16.42 -15.11 -3.64
CA ALA A 319 -15.97 -16.27 -4.39
C ALA A 319 -17.03 -17.38 -4.29
N GLN A 320 -17.65 -17.49 -3.13
CA GLN A 320 -18.68 -18.50 -2.90
C GLN A 320 -19.88 -18.24 -3.82
N VAL A 321 -20.30 -16.99 -3.88
CA VAL A 321 -21.43 -16.58 -4.72
C VAL A 321 -21.18 -16.87 -6.19
N LEU A 322 -20.04 -16.43 -6.70
CA LEU A 322 -19.71 -16.67 -8.10
C LEU A 322 -19.49 -18.13 -8.42
N ALA A 323 -19.08 -18.90 -7.41
CA ALA A 323 -18.84 -20.32 -7.58
C ALA A 323 -17.90 -20.62 -8.76
N SER A 324 -18.28 -21.58 -9.60
CA SER A 324 -17.43 -21.96 -10.72
C SER A 324 -17.13 -20.81 -11.66
N ALA A 325 -18.04 -19.84 -11.74
CA ALA A 325 -17.83 -18.68 -12.62
C ALA A 325 -16.67 -17.79 -12.16
N GLY A 326 -16.38 -17.79 -10.86
CA GLY A 326 -15.30 -16.98 -10.35
C GLY A 326 -14.02 -17.78 -10.15
N ALA A 327 -14.09 -19.07 -10.46
CA ALA A 327 -12.92 -19.94 -10.30
C ALA A 327 -11.97 -19.80 -11.48
N GLY A 330 -6.53 -13.42 -13.89
CA GLY A 330 -7.96 -13.49 -14.10
C GLY A 330 -8.89 -12.73 -13.20
N HIS A 331 -10.00 -13.40 -12.83
CA HIS A 331 -11.09 -12.83 -12.05
C HIS A 331 -10.90 -11.88 -10.87
N VAL A 332 -11.67 -10.79 -10.92
CA VAL A 332 -11.68 -9.78 -9.86
C VAL A 332 -11.87 -10.47 -8.51
N VAL A 333 -12.79 -11.42 -8.45
CA VAL A 333 -13.04 -12.13 -7.21
C VAL A 333 -11.88 -13.07 -6.90
N GLU A 334 -11.32 -13.67 -7.95
CA GLU A 334 -10.18 -14.57 -7.81
C GLU A 334 -9.01 -13.83 -7.17
N ARG A 335 -8.70 -12.66 -7.73
CA ARG A 335 -7.61 -11.82 -7.24
C ARG A 335 -7.90 -11.20 -5.88
N ALA A 336 -9.15 -10.81 -5.64
CA ALA A 336 -9.54 -10.23 -4.36
C ALA A 336 -9.25 -11.21 -3.24
N TYR A 337 -9.57 -12.48 -3.49
CA TYR A 337 -9.37 -13.54 -2.50
C TYR A 337 -7.90 -13.61 -2.07
N ARG A 338 -7.00 -13.68 -3.05
CA ARG A 338 -5.55 -13.74 -2.77
C ARG A 338 -4.99 -12.42 -2.26
N ASP A 339 -5.45 -11.32 -2.84
CA ASP A 339 -4.96 -10.00 -2.45
C ASP A 339 -5.36 -9.61 -1.04
N ALA A 340 -6.62 -9.85 -0.67
CA ALA A 340 -7.13 -9.51 0.65
C ALA A 340 -6.41 -10.28 1.75
N LYS A 341 -6.07 -11.54 1.47
CA LYS A 341 -5.36 -12.36 2.43
C LYS A 341 -4.06 -11.66 2.81
N LEU A 342 -3.36 -11.16 1.80
CA LEU A 342 -2.08 -10.47 2.03
C LEU A 342 -2.25 -9.19 2.84
N MET A 343 -3.36 -8.49 2.63
CA MET A 343 -3.62 -7.24 3.37
C MET A 343 -3.77 -7.48 4.86
N GLU A 344 -4.21 -8.68 5.24
CA GLU A 344 -4.37 -9.03 6.66
C GLU A 344 -3.01 -9.22 7.32
N ILE A 345 -2.00 -9.46 6.50
CA ILE A 345 -0.64 -9.71 6.96
C ILE A 345 0.28 -8.48 6.98
N ILE A 346 0.18 -7.61 5.97
CA ILE A 346 1.04 -6.42 5.89
C ILE A 346 0.55 -5.16 6.61
N GLU A 347 1.43 -4.16 6.71
CA GLU A 347 1.14 -2.87 7.36
C GLU A 347 0.60 -3.08 8.77
N GLY A 348 1.20 -4.00 9.51
CA GLY A 348 0.74 -4.29 10.85
C GLY A 348 -0.28 -5.40 10.71
N SER A 349 0.16 -6.64 10.92
CA SER A 349 -0.71 -7.81 10.82
C SER A 349 -1.92 -7.71 11.74
N SER A 350 -2.95 -8.51 11.46
CA SER A 350 -4.15 -8.52 12.29
C SER A 350 -3.74 -8.72 13.75
N GLU A 351 -2.76 -9.58 13.99
CA GLU A 351 -2.31 -9.84 15.36
C GLU A 351 -1.69 -8.60 15.97
N MET A 352 -0.82 -7.92 15.24
CA MET A 352 -0.19 -6.72 15.76
C MET A 352 -1.22 -5.60 15.94
N CYS A 353 -2.21 -5.54 15.04
CA CYS A 353 -3.24 -4.52 15.17
C CYS A 353 -4.04 -4.76 16.44
N ARG A 354 -4.27 -6.02 16.76
CA ARG A 354 -5.01 -6.35 17.97
C ARG A 354 -4.18 -5.97 19.20
N VAL A 355 -2.88 -6.25 19.18
CA VAL A 355 -2.07 -5.89 20.35
C VAL A 355 -2.04 -4.37 20.50
N MET A 356 -1.93 -3.65 19.39
CA MET A 356 -1.87 -2.18 19.49
C MET A 356 -3.20 -1.57 19.91
N LEU A 357 -4.31 -2.05 19.35
CA LEU A 357 -5.61 -1.53 19.72
C LEU A 357 -5.94 -1.91 21.15
N ALA A 358 -5.44 -3.06 21.59
CA ALA A 358 -5.67 -3.54 22.95
C ALA A 358 -4.95 -2.56 23.89
N GLN A 359 -3.73 -2.21 23.52
CA GLN A 359 -2.94 -1.30 24.33
C GLN A 359 -3.65 0.05 24.40
N HIS A 360 -4.22 0.47 23.28
CA HIS A 360 -4.93 1.75 23.22
C HIS A 360 -6.16 1.74 24.15
N ALA A 361 -6.99 0.71 24.03
CA ALA A 361 -8.19 0.60 24.84
C ALA A 361 -7.89 0.50 26.33
N LEU A 362 -6.84 -0.26 26.67
CA LEU A 362 -6.44 -0.45 28.05
C LEU A 362 -5.84 0.80 28.68
N ALA A 363 -5.74 1.87 27.90
CA ALA A 363 -5.20 3.13 28.41
C ALA A 363 -6.28 4.20 28.41
N LEU A 364 -7.54 3.79 28.20
CA LEU A 364 -8.67 4.72 28.18
C LEU A 364 -9.40 4.80 29.53
N PRO A 365 -9.95 5.98 29.86
CA PRO A 365 -10.66 6.23 31.12
C PRO A 365 -12.06 5.61 31.12
PA FAD B . 6.39 -12.51 11.25
O1A FAD B . 6.41 -11.05 11.33
O2A FAD B . 7.44 -13.54 10.95
O5B FAD B . 5.05 -13.17 10.89
C5B FAD B . 4.54 -13.52 12.11
C4B FAD B . 3.20 -14.16 12.18
O4B FAD B . 3.25 -14.17 13.64
C3B FAD B . 2.17 -13.13 11.81
O3B FAD B . 0.96 -13.78 11.54
C2B FAD B . 2.09 -12.26 12.96
O2B FAD B . 0.89 -11.48 13.21
C1B FAD B . 2.40 -13.19 14.17
N9A FAD B . 3.09 -12.48 15.20
C8A FAD B . 4.40 -11.94 15.26
N7A FAD B . 4.72 -11.33 16.36
C5A FAD B . 3.58 -11.44 17.14
C6A FAD B . 3.25 -11.02 18.43
N6A FAD B . 4.12 -10.35 19.21
N1A FAD B . 2.00 -11.29 18.91
C2A FAD B . 1.09 -11.97 18.15
N3A FAD B . 1.32 -12.44 16.86
C4A FAD B . 2.65 -12.11 16.47
N1 FAD B . 7.68 -4.60 3.87
C2 FAD B . 8.28 -3.36 3.63
O2 FAD B . 9.15 -2.89 4.40
N3 FAD B . 7.92 -2.62 2.53
C4 FAD B . 6.96 -3.03 1.56
O4 FAD B . 6.69 -2.28 0.57
C4X FAD B . 6.40 -4.27 1.79
N5 FAD B . 5.43 -4.72 0.80
C5X FAD B . 4.84 -5.99 0.98
C6 FAD B . 3.91 -6.52 0.05
C7 FAD B . 3.32 -7.82 0.16
C7M FAD B . 2.33 -8.31 -0.89
C8 FAD B . 3.71 -8.63 1.26
C8M FAD B . 3.19 -10.04 1.49
C9 FAD B . 4.59 -8.16 2.20
C9A FAD B . 5.16 -6.83 2.11
N10 FAD B . 6.13 -6.28 3.09
C10 FAD B . 6.76 -5.03 2.94
C1' FAD B . 6.24 -7.19 4.15
C2' FAD B . 5.16 -6.90 5.33
O2' FAD B . 5.89 -5.86 6.05
C3' FAD B . 5.19 -8.08 6.12
O3' FAD B . 3.93 -8.77 5.97
C4' FAD B . 5.39 -8.28 7.65
O4' FAD B . 6.42 -7.61 8.32
C5' FAD B . 5.66 -9.70 7.53
O5' FAD B . 6.61 -10.20 8.42
P FAD B . 7.04 -11.74 8.16
O1P FAD B . 8.00 -10.92 8.72
O2P FAD B . 8.06 -12.88 8.48
O3P FAD B . 6.71 -12.24 9.68
#